data_1BOA
#
_entry.id   1BOA
#
_cell.length_a   90.700
_cell.length_b   99.580
_cell.length_c   101.950
_cell.angle_alpha   90.00
_cell.angle_beta   90.00
_cell.angle_gamma   90.00
#
_symmetry.space_group_name_H-M   'C 2 2 21'
#
loop_
_entity.id
_entity.type
_entity.pdbx_description
1 polymer 'METHIONINE AMINOPEPTIDASE'
2 non-polymer 'COBALT (II) ION'
3 non-polymer FUMAGILLIN
4 water water
#
_entity_poly.entity_id   1
_entity_poly.type   'polypeptide(L)'
_entity_poly.pdbx_seq_one_letter_code
;MAGVEEVAASGSHLNGDLDPDDREEGAASTAEEAAKKKRRKKKKSKGPSAAGEQEPDKESGASVDEVARQLERSALEDKE
RDEDDEDGDGDGDGATGKKKKKKKKKRGPKVQTDPPSVPICDLYPNGVFPKGQECEYPPTQDGRTAAWRTTSEEKKALDQ
ASEEIWNDFREAAEAHRQVRKYVMSWIKPGMTMIEICEKLEDCSRKLIKENGLNAGLAFPTGCSLNNCAAHYTPNAGDTT
VLQYDDICKIDFGTHISGRIIDCAFTVTFNPKYDTLLKAVKDATNTGIKCAGIDVRLCDVGEAIQEVMESYEVEIDGKTY
QVKPIRNLNGHSIGQYRIHAGKTVPIIKGGEATRMEEGEVYAIETFGSTGKGVVHDDMECSHYMKNFDVGHVPIRLPRTK
HLLNVINENFGTLAFCRRWLDRLGESKYLMALKNLCDLGIVDPYPPLCDIKGSYTAQFEHTILLRPTCKEVVSRGDDY
;
_entity_poly.pdbx_strand_id   A
#
loop_
_chem_comp.id
_chem_comp.type
_chem_comp.name
_chem_comp.formula
CO non-polymer 'COBALT (II) ION' 'Co 2'
FUG non-polymer FUMAGILLIN 'C26 H36 O7'
#
# COMPACT_ATOMS: atom_id res chain seq x y z
N LYS A 110 24.97 4.80 12.00
CA LYS A 110 25.30 5.86 13.01
C LYS A 110 24.05 6.57 13.46
N VAL A 111 23.95 7.87 13.21
CA VAL A 111 22.67 8.58 13.23
C VAL A 111 22.19 8.75 11.80
N GLN A 112 20.90 8.89 11.53
CA GLN A 112 20.50 8.96 10.11
C GLN A 112 20.99 10.29 9.51
N THR A 113 21.21 10.36 8.21
CA THR A 113 21.72 11.58 7.59
C THR A 113 20.63 12.43 6.93
N ASP A 114 21.03 13.57 6.40
CA ASP A 114 20.20 14.67 5.94
C ASP A 114 19.06 14.27 5.04
N PRO A 115 19.28 14.21 3.73
CA PRO A 115 18.55 13.21 2.93
C PRO A 115 19.02 11.86 3.47
N PRO A 116 18.11 11.08 4.03
CA PRO A 116 18.47 9.80 4.63
C PRO A 116 19.26 8.94 3.67
N SER A 117 20.33 8.30 4.17
CA SER A 117 21.14 7.40 3.37
C SER A 117 21.62 6.17 4.13
N VAL A 118 21.46 6.12 5.44
CA VAL A 118 21.93 4.94 6.20
C VAL A 118 20.83 3.89 6.27
N PRO A 119 21.07 2.67 5.82
CA PRO A 119 20.12 1.58 5.98
C PRO A 119 19.59 1.45 7.40
N ILE A 120 18.31 1.06 7.56
CA ILE A 120 17.78 0.89 8.91
C ILE A 120 18.53 -0.16 9.74
N CYS A 121 19.00 -1.22 9.09
CA CYS A 121 19.75 -2.23 9.85
C CYS A 121 21.09 -1.73 10.38
N ASP A 122 21.67 -0.65 9.87
CA ASP A 122 22.90 -0.08 10.40
C ASP A 122 22.65 0.98 11.48
N LEU A 123 21.41 1.47 11.56
CA LEU A 123 20.96 2.32 12.64
C LEU A 123 20.65 1.57 13.91
N TYR A 124 20.27 0.29 13.82
CA TYR A 124 19.94 -0.58 14.93
C TYR A 124 20.79 -1.84 14.91
N PRO A 125 22.04 -1.75 15.35
CA PRO A 125 23.05 -2.77 15.17
C PRO A 125 22.82 -4.13 15.81
N ASN A 126 22.01 -4.25 16.84
CA ASN A 126 21.69 -5.52 17.49
C ASN A 126 20.53 -6.26 16.86
N GLY A 127 19.94 -5.72 15.79
CA GLY A 127 18.93 -6.45 15.05
C GLY A 127 17.55 -6.37 15.71
N VAL A 128 17.39 -5.47 16.66
CA VAL A 128 16.14 -5.24 17.39
C VAL A 128 15.57 -3.89 16.97
N PHE A 129 14.37 -3.90 16.35
CA PHE A 129 13.86 -2.65 15.77
C PHE A 129 12.72 -2.08 16.61
N PRO A 130 12.43 -0.78 16.48
CA PRO A 130 11.39 -0.12 17.24
C PRO A 130 9.98 -0.70 17.11
N LYS A 131 9.25 -0.86 18.20
CA LYS A 131 7.85 -1.28 18.10
C LYS A 131 7.00 -0.15 17.54
N GLY A 132 5.87 -0.50 16.90
CA GLY A 132 4.92 0.57 16.58
C GLY A 132 4.01 0.82 17.79
N GLN A 133 2.85 1.42 17.52
CA GLN A 133 1.89 1.71 18.57
C GLN A 133 1.26 0.42 19.08
N GLU A 134 1.42 0.10 20.37
CA GLU A 134 0.83 -1.11 20.94
C GLU A 134 -0.46 -0.79 21.67
N CYS A 135 -1.50 -1.56 21.47
CA CYS A 135 -2.84 -1.28 21.94
C CYS A 135 -3.45 -2.52 22.59
N GLU A 136 -4.08 -2.27 23.75
CA GLU A 136 -4.96 -3.32 24.30
C GLU A 136 -6.10 -3.54 23.32
N TYR A 137 -6.54 -4.77 23.14
CA TYR A 137 -7.65 -5.17 22.31
C TYR A 137 -8.98 -4.66 22.87
N PRO A 138 -9.87 -4.46 21.80
CA PRO A 138 -11.19 -3.93 22.22
C PRO A 138 -11.96 -4.89 23.12
N GLU A 154 -0.32 -10.23 27.87
CA GLU A 154 0.59 -9.21 28.44
C GLU A 154 2.07 -9.58 28.40
N LYS A 155 2.41 -10.83 28.12
CA LYS A 155 3.78 -11.25 27.85
C LYS A 155 3.84 -12.75 27.57
N LYS A 156 2.97 -13.20 26.67
CA LYS A 156 2.83 -14.58 26.30
C LYS A 156 4.13 -15.17 25.76
N ALA A 157 4.17 -16.48 25.98
CA ALA A 157 5.13 -17.38 25.37
C ALA A 157 4.88 -17.39 23.85
N LEU A 158 3.61 -17.45 23.48
CA LEU A 158 3.22 -17.56 22.08
C LEU A 158 3.62 -16.31 21.29
N ASP A 159 3.47 -15.14 21.88
CA ASP A 159 3.93 -13.89 21.26
C ASP A 159 5.42 -13.89 21.08
N GLN A 160 6.18 -14.27 22.12
CA GLN A 160 7.63 -14.28 22.11
C GLN A 160 8.22 -15.28 21.15
N ALA A 161 7.51 -16.37 20.87
CA ALA A 161 7.94 -17.38 19.93
C ALA A 161 7.96 -16.84 18.51
N SER A 162 7.15 -15.80 18.24
CA SER A 162 7.18 -15.24 16.88
C SER A 162 7.92 -13.93 16.78
N GLU A 163 8.82 -13.65 17.73
CA GLU A 163 9.53 -12.39 17.82
C GLU A 163 10.39 -12.05 16.62
N GLU A 164 11.04 -13.02 15.98
CA GLU A 164 11.77 -12.75 14.74
C GLU A 164 10.85 -12.26 13.62
N ILE A 165 9.62 -12.70 13.52
CA ILE A 165 8.66 -12.20 12.53
C ILE A 165 8.21 -10.78 12.81
N TRP A 166 7.90 -10.43 14.06
CA TRP A 166 7.42 -9.09 14.37
C TRP A 166 8.58 -8.14 14.11
N ASN A 167 9.81 -8.61 14.40
CA ASN A 167 10.98 -7.78 14.24
C ASN A 167 11.25 -7.39 12.78
N ASP A 168 11.03 -8.34 11.87
CA ASP A 168 11.10 -8.12 10.44
C ASP A 168 10.05 -7.09 9.97
N PHE A 169 8.82 -7.22 10.42
CA PHE A 169 7.84 -6.15 10.12
C PHE A 169 8.26 -4.81 10.62
N ARG A 170 8.85 -4.72 11.86
CA ARG A 170 9.29 -3.44 12.40
C ARG A 170 10.44 -2.80 11.67
N GLU A 171 11.39 -3.58 11.10
CA GLU A 171 12.46 -3.06 10.28
C GLU A 171 11.88 -2.48 8.96
N ALA A 172 10.91 -3.20 8.44
CA ALA A 172 10.26 -2.69 7.21
C ALA A 172 9.46 -1.43 7.53
N ALA A 173 8.81 -1.38 8.68
CA ALA A 173 8.04 -0.17 9.04
C ALA A 173 8.89 1.06 9.28
N GLU A 174 10.06 0.87 9.93
CA GLU A 174 10.95 2.02 10.15
C GLU A 174 11.45 2.57 8.84
N ALA A 175 11.76 1.69 7.85
CA ALA A 175 12.14 2.19 6.54
C ALA A 175 10.98 3.04 5.97
N HIS A 176 9.78 2.54 6.08
CA HIS A 176 8.60 3.23 5.54
C HIS A 176 8.40 4.59 6.18
N ARG A 177 8.53 4.69 7.51
CA ARG A 177 8.46 5.95 8.22
C ARG A 177 9.50 6.95 7.74
N GLN A 178 10.77 6.54 7.57
CA GLN A 178 11.83 7.45 7.18
C GLN A 178 11.73 7.88 5.71
N VAL A 179 11.29 6.97 4.85
CA VAL A 179 11.09 7.33 3.43
C VAL A 179 9.96 8.37 3.31
N ARG A 180 8.81 8.08 3.91
CA ARG A 180 7.67 9.00 3.74
C ARG A 180 7.95 10.37 4.33
N LYS A 181 8.65 10.46 5.48
CA LYS A 181 9.06 11.79 5.97
C LYS A 181 9.86 12.55 4.94
N TYR A 182 10.83 11.90 4.31
CA TYR A 182 11.67 12.50 3.29
C TYR A 182 10.81 12.95 2.11
N VAL A 183 9.91 12.08 1.64
CA VAL A 183 9.01 12.46 0.53
C VAL A 183 8.20 13.71 0.85
N MET A 184 7.60 13.80 2.04
CA MET A 184 6.80 14.97 2.40
C MET A 184 7.62 16.27 2.40
N SER A 185 8.93 16.21 2.57
CA SER A 185 9.77 17.40 2.55
C SER A 185 10.01 17.96 1.16
N TRP A 186 9.88 17.18 0.08
CA TRP A 186 10.22 17.67 -1.25
C TRP A 186 9.09 17.54 -2.26
N ILE A 187 8.02 16.77 -1.97
CA ILE A 187 7.04 16.62 -3.07
C ILE A 187 6.34 17.95 -3.31
N LYS A 188 6.29 18.38 -4.58
CA LYS A 188 5.76 19.72 -4.92
C LYS A 188 5.17 19.65 -6.30
N PRO A 189 4.17 20.54 -6.56
CA PRO A 189 3.67 20.72 -7.93
C PRO A 189 4.80 21.12 -8.85
N GLY A 190 4.72 20.73 -10.12
CA GLY A 190 5.76 20.98 -11.10
C GLY A 190 6.65 19.77 -11.34
N MET A 191 6.79 18.90 -10.32
CA MET A 191 7.50 17.62 -10.60
C MET A 191 6.69 16.67 -11.43
N THR A 192 7.40 15.86 -12.26
CA THR A 192 6.62 14.86 -13.02
C THR A 192 6.34 13.67 -12.10
N MET A 193 5.32 12.89 -12.46
CA MET A 193 5.05 11.70 -11.61
C MET A 193 6.21 10.73 -11.68
N ILE A 194 6.83 10.54 -12.84
CA ILE A 194 8.04 9.69 -12.89
C ILE A 194 9.15 10.19 -11.97
N GLU A 195 9.46 11.49 -11.97
CA GLU A 195 10.44 12.07 -11.05
C GLU A 195 10.15 11.77 -9.59
N ILE A 196 8.89 11.88 -9.15
CA ILE A 196 8.47 11.62 -7.79
C ILE A 196 8.65 10.11 -7.47
N CYS A 197 8.16 9.24 -8.33
CA CYS A 197 8.31 7.79 -8.02
C CYS A 197 9.77 7.35 -7.98
N GLU A 198 10.60 7.90 -8.86
CA GLU A 198 12.00 7.46 -8.91
C GLU A 198 12.77 7.96 -7.70
N LYS A 199 12.51 9.18 -7.24
CA LYS A 199 13.15 9.71 -6.05
C LYS A 199 12.73 8.98 -4.79
N LEU A 200 11.43 8.68 -4.64
CA LEU A 200 10.94 7.86 -3.55
C LEU A 200 11.56 6.47 -3.54
N GLU A 201 11.52 5.78 -4.67
CA GLU A 201 12.02 4.39 -4.70
C GLU A 201 13.51 4.29 -4.47
N ASP A 202 14.25 5.28 -4.97
CA ASP A 202 15.69 5.31 -4.67
C ASP A 202 15.99 5.30 -3.17
N CYS A 203 15.28 6.16 -2.46
CA CYS A 203 15.43 6.21 -1.00
C CYS A 203 15.01 4.90 -0.33
N SER A 204 13.88 4.32 -0.76
CA SER A 204 13.38 3.08 -0.18
C SER A 204 14.39 1.96 -0.43
N ARG A 205 14.96 1.87 -1.63
CA ARG A 205 15.96 0.79 -1.86
C ARG A 205 17.16 0.94 -0.92
N LYS A 206 17.60 2.17 -0.71
CA LYS A 206 18.73 2.43 0.19
C LYS A 206 18.45 2.10 1.63
N LEU A 207 17.28 2.50 2.16
CA LEU A 207 17.00 2.30 3.58
C LEU A 207 16.60 0.88 3.92
N ILE A 208 15.98 0.15 2.96
CA ILE A 208 15.62 -1.25 3.24
C ILE A 208 16.82 -2.15 3.02
N LYS A 209 17.89 -1.62 2.46
CA LYS A 209 19.07 -2.37 2.06
C LYS A 209 18.71 -3.53 1.14
N GLU A 210 18.17 -3.13 -0.04
CA GLU A 210 17.61 -4.09 -0.98
C GLU A 210 18.56 -5.27 -1.19
N ASN A 211 18.04 -6.47 -1.12
CA ASN A 211 18.86 -7.68 -1.33
C ASN A 211 17.98 -8.77 -1.93
N GLY A 212 17.77 -8.74 -3.26
CA GLY A 212 16.99 -9.75 -3.96
C GLY A 212 15.61 -9.92 -3.35
N LEU A 213 15.21 -11.15 -3.01
CA LEU A 213 13.91 -11.37 -2.38
C LEU A 213 13.97 -11.40 -0.86
N ASN A 214 15.12 -11.17 -0.24
CA ASN A 214 15.27 -11.16 1.21
C ASN A 214 14.96 -9.81 1.84
N ALA A 215 15.08 -8.73 1.07
CA ALA A 215 14.66 -7.41 1.52
C ALA A 215 14.39 -6.55 0.28
N GLY A 216 13.32 -5.72 0.33
CA GLY A 216 13.23 -4.85 -0.89
C GLY A 216 11.89 -4.15 -0.91
N LEU A 217 11.46 -3.85 -2.16
CA LEU A 217 10.20 -3.09 -2.30
C LEU A 217 9.10 -4.12 -2.45
N ALA A 218 8.00 -4.00 -1.75
CA ALA A 218 6.97 -5.06 -1.77
C ALA A 218 6.08 -4.92 -3.00
N PHE A 219 5.91 -3.66 -3.45
CA PHE A 219 5.01 -3.38 -4.59
C PHE A 219 5.28 -1.96 -5.07
N PRO A 220 4.85 -1.64 -6.31
CA PRO A 220 5.22 -0.38 -6.94
C PRO A 220 4.62 0.83 -6.24
N THR A 221 5.27 1.98 -6.36
CA THR A 221 4.79 3.22 -5.78
C THR A 221 3.53 3.76 -6.44
N GLY A 222 2.43 3.70 -5.70
CA GLY A 222 1.16 4.30 -6.18
C GLY A 222 1.23 5.81 -5.95
N CYS A 223 0.76 6.57 -6.94
CA CYS A 223 0.65 8.01 -6.84
C CYS A 223 -0.61 8.46 -7.56
N SER A 224 -1.71 7.74 -7.33
CA SER A 224 -2.95 7.97 -8.03
C SER A 224 -3.53 9.38 -7.79
N LEU A 225 -4.00 10.01 -8.90
CA LEU A 225 -4.42 11.42 -8.80
C LEU A 225 -5.93 11.61 -8.93
N ASN A 226 -6.49 12.48 -8.08
CA ASN A 226 -7.82 13.07 -8.31
C ASN A 226 -8.94 12.05 -8.26
N ASN A 227 -9.64 11.71 -9.33
CA ASN A 227 -10.72 10.72 -9.26
C ASN A 227 -10.15 9.31 -9.22
N CYS A 228 -8.86 9.16 -9.54
CA CYS A 228 -8.22 7.84 -9.45
C CYS A 228 -7.81 7.56 -8.02
N ALA A 229 -8.25 6.40 -7.52
CA ALA A 229 -8.04 6.09 -6.11
C ALA A 229 -6.87 5.13 -5.84
N ALA A 230 -6.49 4.27 -6.76
CA ALA A 230 -5.50 3.27 -6.45
C ALA A 230 -4.92 2.68 -7.75
N HIS A 231 -3.72 2.15 -7.56
CA HIS A 231 -3.08 1.32 -8.62
C HIS A 231 -2.68 2.08 -9.87
N TYR A 232 -2.41 3.39 -9.79
CA TYR A 232 -1.70 4.12 -10.84
C TYR A 232 -0.25 4.37 -10.38
N THR A 233 0.65 3.98 -11.25
CA THR A 233 2.03 4.54 -11.22
C THR A 233 2.38 4.78 -12.69
N PRO A 234 3.27 5.73 -13.01
CA PRO A 234 3.50 6.09 -14.40
C PRO A 234 4.26 4.96 -15.10
N ASN A 235 3.95 4.70 -16.35
CA ASN A 235 4.87 3.89 -17.19
C ASN A 235 5.84 4.81 -17.90
N ALA A 236 6.86 4.22 -18.56
CA ALA A 236 7.83 5.00 -19.31
C ALA A 236 7.12 5.96 -20.27
N GLY A 237 7.60 7.20 -20.36
CA GLY A 237 7.06 8.17 -21.30
C GLY A 237 5.89 8.99 -20.81
N ASP A 238 5.30 8.64 -19.69
CA ASP A 238 4.20 9.40 -19.07
C ASP A 238 4.65 10.82 -18.79
N THR A 239 4.01 11.84 -19.38
CA THR A 239 4.45 13.21 -19.09
C THR A 239 3.67 13.94 -18.00
N THR A 240 2.79 13.22 -17.34
CA THR A 240 1.98 13.87 -16.27
C THR A 240 2.81 14.64 -15.28
N VAL A 241 2.39 15.91 -15.01
CA VAL A 241 2.99 16.76 -14.02
C VAL A 241 2.04 17.02 -12.85
N LEU A 242 2.52 16.96 -11.63
CA LEU A 242 1.71 17.15 -10.43
C LEU A 242 1.30 18.64 -10.34
N GLN A 243 0.04 18.89 -10.08
CA GLN A 243 -0.47 20.28 -10.13
C GLN A 243 -0.86 20.72 -8.73
N TYR A 244 -1.03 22.02 -8.51
CA TYR A 244 -1.37 22.62 -7.22
C TYR A 244 -2.71 22.08 -6.69
N ASP A 245 -3.69 21.96 -7.58
CA ASP A 245 -4.99 21.44 -7.18
C ASP A 245 -5.10 19.92 -7.15
N ASP A 246 -4.04 19.18 -7.37
CA ASP A 246 -4.15 17.70 -7.36
C ASP A 246 -4.30 17.10 -5.96
N ILE A 247 -5.01 15.95 -5.87
CA ILE A 247 -5.00 15.18 -4.60
C ILE A 247 -4.34 13.83 -4.93
N CYS A 248 -3.18 13.59 -4.36
CA CYS A 248 -2.30 12.45 -4.81
C CYS A 248 -2.20 11.41 -3.71
N LYS A 249 -2.53 10.16 -3.98
CA LYS A 249 -2.46 9.13 -2.94
C LYS A 249 -1.13 8.40 -3.07
N ILE A 250 -0.25 8.53 -2.08
CA ILE A 250 1.07 7.90 -2.11
C ILE A 250 0.97 6.57 -1.33
N ASP A 251 1.08 5.46 -2.00
CA ASP A 251 0.89 4.14 -1.37
C ASP A 251 2.09 3.28 -1.76
N PHE A 252 2.96 2.92 -0.78
CA PHE A 252 4.18 2.22 -1.21
C PHE A 252 4.48 1.20 -0.10
N GLY A 253 5.26 0.18 -0.49
CA GLY A 253 5.43 -0.96 0.39
C GLY A 253 6.91 -1.39 0.50
N THR A 254 7.30 -1.83 1.69
CA THR A 254 8.64 -2.33 1.97
C THR A 254 8.50 -3.75 2.58
N HIS A 255 9.53 -4.58 2.46
CA HIS A 255 9.44 -5.88 3.17
C HIS A 255 10.84 -6.32 3.58
N ILE A 256 10.83 -7.12 4.65
CA ILE A 256 12.02 -7.91 5.03
C ILE A 256 11.60 -9.35 5.11
N SER A 257 12.24 -10.29 4.43
CA SER A 257 11.90 -11.71 4.39
C SER A 257 10.47 -11.97 4.06
N GLY A 258 9.82 -11.11 3.19
CA GLY A 258 8.45 -11.32 2.80
C GLY A 258 7.44 -10.73 3.80
N ARG A 259 7.93 -10.14 4.88
CA ARG A 259 7.00 -9.54 5.87
C ARG A 259 6.71 -8.11 5.35
N ILE A 260 5.50 -7.84 4.90
CA ILE A 260 5.22 -6.65 4.07
C ILE A 260 4.54 -5.57 4.92
N ILE A 261 4.94 -4.32 4.72
CA ILE A 261 4.21 -3.15 5.23
C ILE A 261 3.46 -2.49 4.06
N ASP A 262 2.14 -2.41 4.14
CA ASP A 262 1.39 -1.59 3.17
C ASP A 262 0.88 -0.37 3.92
N CYS A 263 1.35 0.86 3.59
CA CYS A 263 0.89 2.01 4.36
C CYS A 263 0.77 3.19 3.38
N ALA A 264 -0.24 4.02 3.52
CA ALA A 264 -0.45 5.05 2.47
C ALA A 264 -1.07 6.29 3.10
N PHE A 265 -0.80 7.43 2.42
CA PHE A 265 -1.32 8.72 2.87
C PHE A 265 -1.65 9.57 1.63
N THR A 266 -2.39 10.67 1.88
CA THR A 266 -2.75 11.56 0.76
C THR A 266 -2.01 12.90 0.85
N VAL A 267 -1.53 13.42 -0.26
CA VAL A 267 -0.76 14.65 -0.41
C VAL A 267 -1.63 15.68 -1.13
N THR A 268 -1.74 16.87 -0.56
CA THR A 268 -2.47 17.97 -1.20
C THR A 268 -1.66 19.24 -0.96
N PHE A 269 -1.98 20.26 -1.78
CA PHE A 269 -1.35 21.57 -1.60
C PHE A 269 -2.36 22.71 -1.42
N ASN A 270 -3.57 22.49 -1.89
CA ASN A 270 -4.67 23.47 -1.66
C ASN A 270 -5.46 23.06 -0.44
N PRO A 271 -5.71 23.98 0.48
CA PRO A 271 -6.37 23.70 1.73
C PRO A 271 -7.84 23.39 1.63
N LYS A 272 -8.43 23.64 0.45
CA LYS A 272 -9.79 23.22 0.13
C LYS A 272 -10.06 21.74 0.40
N TYR A 273 -9.09 20.80 0.30
CA TYR A 273 -9.39 19.40 0.57
C TYR A 273 -9.20 19.00 2.02
N ASP A 274 -8.91 19.94 2.93
CA ASP A 274 -8.51 19.49 4.29
C ASP A 274 -9.58 18.66 4.98
N THR A 275 -10.88 19.00 4.89
CA THR A 275 -11.88 18.18 5.58
C THR A 275 -12.10 16.81 4.96
N LEU A 276 -11.96 16.68 3.63
CA LEU A 276 -12.02 15.35 3.01
C LEU A 276 -10.88 14.48 3.54
N LEU A 277 -9.68 15.07 3.68
CA LEU A 277 -8.55 14.28 4.22
C LEU A 277 -8.78 13.93 5.67
N LYS A 278 -9.37 14.85 6.45
CA LYS A 278 -9.61 14.52 7.86
C LYS A 278 -10.68 13.43 7.98
N ALA A 279 -11.67 13.43 7.09
CA ALA A 279 -12.72 12.40 7.18
C ALA A 279 -12.10 11.01 7.00
N VAL A 280 -11.23 10.93 5.97
CA VAL A 280 -10.69 9.59 5.66
C VAL A 280 -9.74 9.16 6.74
N LYS A 281 -8.86 10.05 7.19
CA LYS A 281 -7.97 9.71 8.30
C LYS A 281 -8.68 9.22 9.55
N ASP A 282 -9.75 9.94 9.95
CA ASP A 282 -10.59 9.49 11.04
C ASP A 282 -11.24 8.13 10.79
N ALA A 283 -11.75 7.85 9.59
CA ALA A 283 -12.35 6.54 9.30
C ALA A 283 -11.30 5.44 9.38
N THR A 284 -10.07 5.70 8.89
CA THR A 284 -9.03 4.66 8.98
C THR A 284 -8.68 4.40 10.44
N ASN A 285 -8.59 5.49 11.22
CA ASN A 285 -8.24 5.27 12.65
C ASN A 285 -9.37 4.54 13.36
N THR A 286 -10.62 4.80 12.95
CA THR A 286 -11.75 4.06 13.50
C THR A 286 -11.69 2.59 13.17
N GLY A 287 -11.36 2.22 11.93
CA GLY A 287 -11.21 0.80 11.59
C GLY A 287 -10.07 0.16 12.37
N ILE A 288 -8.97 0.86 12.57
CA ILE A 288 -7.84 0.32 13.33
C ILE A 288 -8.22 0.08 14.80
N LYS A 289 -9.03 1.02 15.32
CA LYS A 289 -9.43 0.80 16.74
C LYS A 289 -10.45 -0.31 16.89
N CYS A 290 -11.30 -0.56 15.90
CA CYS A 290 -12.32 -1.60 15.99
C CYS A 290 -11.73 -3.00 15.84
N ALA A 291 -10.64 -3.10 15.09
CA ALA A 291 -10.02 -4.38 14.76
C ALA A 291 -9.56 -5.12 16.02
N GLY A 292 -9.61 -6.46 15.93
CA GLY A 292 -9.14 -7.23 17.12
C GLY A 292 -9.39 -8.72 16.86
N ILE A 293 -8.78 -9.55 17.70
CA ILE A 293 -9.04 -11.01 17.61
C ILE A 293 -10.50 -11.31 17.91
N ASP A 294 -11.19 -12.09 17.11
CA ASP A 294 -12.59 -12.45 17.23
C ASP A 294 -13.57 -11.36 16.80
N VAL A 295 -13.08 -10.24 16.26
CA VAL A 295 -13.97 -9.20 15.73
C VAL A 295 -14.50 -9.57 14.36
N ARG A 296 -15.79 -9.34 14.10
CA ARG A 296 -16.38 -9.71 12.84
C ARG A 296 -15.94 -8.69 11.77
N LEU A 297 -15.46 -9.10 10.61
CA LEU A 297 -15.08 -8.10 9.59
C LEU A 297 -16.20 -7.18 9.19
N CYS A 298 -17.46 -7.60 9.13
CA CYS A 298 -18.58 -6.77 8.79
C CYS A 298 -18.80 -5.64 9.79
N ASP A 299 -18.45 -5.87 11.06
CA ASP A 299 -18.56 -4.82 12.07
C ASP A 299 -17.54 -3.69 11.89
N VAL A 300 -16.33 -4.04 11.47
CA VAL A 300 -15.32 -3.02 11.16
C VAL A 300 -15.81 -2.19 9.99
N GLY A 301 -16.35 -2.82 8.93
CA GLY A 301 -16.86 -2.01 7.81
C GLY A 301 -17.97 -1.05 8.24
N GLU A 302 -18.95 -1.53 9.03
CA GLU A 302 -20.04 -0.67 9.46
C GLU A 302 -19.51 0.50 10.28
N ALA A 303 -18.54 0.25 11.17
CA ALA A 303 -17.93 1.31 11.94
C ALA A 303 -17.25 2.41 11.12
N ILE A 304 -16.44 1.96 10.16
CA ILE A 304 -15.71 2.87 9.28
C ILE A 304 -16.70 3.74 8.53
N GLN A 305 -17.81 3.21 7.98
CA GLN A 305 -18.74 3.98 7.18
C GLN A 305 -19.45 5.03 8.07
N GLU A 306 -19.76 4.62 9.29
CA GLU A 306 -20.49 5.57 10.16
C GLU A 306 -19.63 6.80 10.42
N VAL A 307 -18.34 6.62 10.70
CA VAL A 307 -17.47 7.80 10.89
C VAL A 307 -17.29 8.57 9.60
N MET A 308 -17.00 7.89 8.47
CA MET A 308 -16.70 8.64 7.25
C MET A 308 -17.90 9.44 6.81
N GLU A 309 -19.11 8.88 6.94
CA GLU A 309 -20.32 9.57 6.51
C GLU A 309 -20.78 10.66 7.48
N SER A 310 -20.14 10.80 8.63
CA SER A 310 -20.41 11.94 9.53
C SER A 310 -19.78 13.25 9.07
N TYR A 311 -18.94 13.26 8.05
CA TYR A 311 -18.24 14.43 7.52
C TYR A 311 -18.94 15.00 6.29
N GLU A 312 -19.08 16.34 6.23
CA GLU A 312 -19.55 17.02 5.03
C GLU A 312 -18.45 18.01 4.62
N VAL A 313 -18.19 18.14 3.30
CA VAL A 313 -17.13 19.04 2.87
C VAL A 313 -17.64 20.01 1.79
N GLU A 314 -16.96 21.13 1.65
CA GLU A 314 -17.32 22.08 0.60
C GLU A 314 -16.06 22.39 -0.23
N ILE A 315 -16.15 22.13 -1.53
CA ILE A 315 -15.02 22.27 -2.45
C ILE A 315 -15.53 23.07 -3.66
N ASP A 316 -14.95 24.22 -3.93
CA ASP A 316 -15.29 25.07 -5.06
C ASP A 316 -16.79 25.33 -5.14
N GLY A 317 -17.40 25.69 -4.01
CA GLY A 317 -18.80 26.10 -4.00
C GLY A 317 -19.81 24.96 -3.99
N LYS A 318 -19.39 23.69 -3.95
CA LYS A 318 -20.36 22.61 -3.96
C LYS A 318 -20.21 21.83 -2.65
N THR A 319 -21.29 21.35 -2.07
CA THR A 319 -21.10 20.60 -0.82
C THR A 319 -21.32 19.14 -1.07
N TYR A 320 -20.62 18.29 -0.29
CA TYR A 320 -20.73 16.86 -0.38
C TYR A 320 -20.77 16.13 0.94
N GLN A 321 -21.53 15.03 1.07
CA GLN A 321 -21.33 14.17 2.24
C GLN A 321 -20.28 13.11 1.85
N VAL A 322 -19.21 12.94 2.60
CA VAL A 322 -18.14 12.04 2.14
C VAL A 322 -18.65 10.61 2.05
N LYS A 323 -18.36 9.88 0.95
CA LYS A 323 -18.83 8.52 0.81
C LYS A 323 -17.64 7.57 0.82
N PRO A 324 -17.64 6.50 1.58
CA PRO A 324 -16.68 5.44 1.40
C PRO A 324 -16.80 4.87 -0.01
N ILE A 325 -15.70 4.41 -0.59
CA ILE A 325 -15.78 3.79 -1.93
C ILE A 325 -16.13 2.31 -1.68
N ARG A 326 -17.38 1.94 -1.97
CA ARG A 326 -17.91 0.71 -1.40
C ARG A 326 -17.32 -0.56 -1.98
N ASN A 327 -16.74 -0.52 -3.18
CA ASN A 327 -16.11 -1.71 -3.76
C ASN A 327 -14.60 -1.71 -3.67
N LEU A 328 -14.04 -0.93 -2.75
CA LEU A 328 -12.65 -1.03 -2.33
C LEU A 328 -12.62 -1.55 -0.89
N ASN A 329 -11.52 -2.23 -0.56
CA ASN A 329 -11.47 -3.02 0.68
C ASN A 329 -10.05 -2.99 1.23
N GLY A 330 -9.88 -3.16 2.53
CA GLY A 330 -8.61 -3.61 3.09
C GLY A 330 -8.46 -5.13 2.96
N HIS A 331 -7.34 -5.63 3.51
CA HIS A 331 -7.04 -7.05 3.23
C HIS A 331 -6.06 -7.63 4.20
N SER A 332 -6.15 -8.97 4.46
CA SER A 332 -5.08 -9.61 5.20
C SER A 332 -3.83 -9.73 4.31
N ILE A 333 -2.72 -9.90 4.99
CA ILE A 333 -1.36 -9.95 4.43
C ILE A 333 -0.71 -11.27 4.86
N GLY A 334 -0.05 -11.96 3.95
CA GLY A 334 0.69 -13.19 4.24
C GLY A 334 2.14 -13.07 3.77
N GLN A 335 2.97 -14.09 4.04
CA GLN A 335 4.38 -13.97 3.67
C GLN A 335 4.58 -13.94 2.17
N TYR A 336 5.23 -12.91 1.60
CA TYR A 336 5.27 -12.69 0.17
C TYR A 336 3.91 -12.65 -0.51
N ARG A 337 2.84 -12.29 0.24
CA ARG A 337 1.50 -12.32 -0.27
C ARG A 337 0.73 -11.08 0.16
N ILE A 338 0.77 -10.02 -0.67
CA ILE A 338 0.11 -8.77 -0.27
C ILE A 338 -1.38 -8.95 0.01
N HIS A 339 -2.09 -9.85 -0.64
CA HIS A 339 -3.50 -10.05 -0.33
C HIS A 339 -3.65 -11.52 0.04
N ALA A 340 -3.73 -11.78 1.36
CA ALA A 340 -3.79 -13.20 1.74
C ALA A 340 -5.19 -13.77 1.74
N GLY A 341 -6.22 -13.10 1.27
CA GLY A 341 -7.50 -13.71 0.93
C GLY A 341 -8.66 -13.24 1.78
N LYS A 342 -8.47 -12.61 2.92
CA LYS A 342 -9.61 -12.08 3.68
C LYS A 342 -9.75 -10.59 3.34
N THR A 343 -10.96 -10.10 3.08
CA THR A 343 -11.07 -8.66 2.82
C THR A 343 -11.70 -7.94 4.00
N VAL A 344 -11.34 -6.68 4.20
CA VAL A 344 -11.86 -5.82 5.26
C VAL A 344 -12.76 -4.77 4.61
N PRO A 345 -14.06 -4.88 4.70
CA PRO A 345 -14.98 -3.97 4.05
C PRO A 345 -14.94 -2.59 4.70
N ILE A 346 -15.34 -1.57 3.95
CA ILE A 346 -15.40 -0.21 4.46
C ILE A 346 -16.81 0.38 4.43
N ILE A 347 -17.80 -0.48 4.21
CA ILE A 347 -19.22 -0.15 4.33
C ILE A 347 -19.92 -1.35 5.00
N LYS A 348 -21.14 -1.13 5.49
CA LYS A 348 -21.90 -2.22 6.11
C LYS A 348 -22.29 -3.29 5.10
N GLY A 349 -22.65 -4.48 5.59
CA GLY A 349 -23.23 -5.50 4.71
C GLY A 349 -22.27 -6.59 4.28
N GLY A 350 -21.06 -6.65 4.82
CA GLY A 350 -20.05 -7.61 4.41
C GLY A 350 -20.17 -8.93 5.16
N GLU A 351 -19.10 -9.72 5.16
CA GLU A 351 -19.16 -11.04 5.82
C GLU A 351 -18.92 -10.97 7.32
N ALA A 352 -19.55 -11.85 8.12
CA ALA A 352 -19.23 -11.98 9.53
C ALA A 352 -18.07 -12.90 9.87
N THR A 353 -17.22 -13.29 8.93
CA THR A 353 -15.93 -13.88 9.22
C THR A 353 -15.16 -13.08 10.26
N ARG A 354 -14.53 -13.78 11.20
CA ARG A 354 -13.82 -13.17 12.32
C ARG A 354 -12.33 -13.05 12.00
N MET A 355 -11.69 -12.00 12.49
CA MET A 355 -10.25 -11.84 12.54
C MET A 355 -9.65 -12.81 13.56
N GLU A 356 -8.47 -13.33 13.28
CA GLU A 356 -7.87 -14.38 14.11
C GLU A 356 -6.53 -13.97 14.66
N GLU A 357 -6.15 -14.53 15.81
CA GLU A 357 -4.84 -14.30 16.39
C GLU A 357 -3.72 -14.64 15.41
N GLY A 358 -2.71 -13.80 15.29
CA GLY A 358 -1.56 -14.09 14.42
C GLY A 358 -1.67 -13.52 13.01
N GLU A 359 -2.86 -13.07 12.63
CA GLU A 359 -3.07 -12.50 11.30
C GLU A 359 -2.55 -11.05 11.28
N VAL A 360 -2.27 -10.60 10.04
CA VAL A 360 -1.77 -9.24 9.83
C VAL A 360 -2.70 -8.62 8.80
N TYR A 361 -3.14 -7.36 9.00
CA TYR A 361 -4.09 -6.75 8.08
C TYR A 361 -3.60 -5.36 7.63
N ALA A 362 -3.94 -5.04 6.41
CA ALA A 362 -3.82 -3.62 5.95
C ALA A 362 -5.22 -3.06 6.12
N ILE A 363 -5.36 -2.15 7.03
CA ILE A 363 -6.63 -1.45 7.29
C ILE A 363 -6.54 -0.12 6.49
N GLU A 364 -7.30 -0.10 5.42
CA GLU A 364 -7.21 1.03 4.51
C GLU A 364 -8.61 1.57 4.25
N THR A 365 -8.74 2.91 4.18
CA THR A 365 -10.05 3.41 3.83
C THR A 365 -9.90 4.46 2.72
N PHE A 366 -10.94 4.52 1.92
CA PHE A 366 -10.99 5.44 0.78
C PHE A 366 -12.28 6.26 0.82
N GLY A 367 -12.18 7.57 0.59
CA GLY A 367 -13.44 8.35 0.62
C GLY A 367 -13.52 9.16 -0.70
N SER A 368 -14.72 9.49 -1.12
CA SER A 368 -14.89 10.15 -2.42
C SER A 368 -16.02 11.18 -2.44
N THR A 369 -15.88 12.15 -3.31
CA THR A 369 -17.00 13.07 -3.58
C THR A 369 -17.86 12.57 -4.74
N GLY A 370 -17.49 11.47 -5.39
CA GLY A 370 -18.17 11.05 -6.63
C GLY A 370 -19.29 10.05 -6.34
N LYS A 371 -19.35 8.96 -7.08
CA LYS A 371 -20.37 7.94 -6.91
C LYS A 371 -20.06 7.02 -5.75
N GLY A 372 -18.79 6.99 -5.33
CA GLY A 372 -18.43 6.05 -4.26
C GLY A 372 -18.19 4.64 -4.75
N VAL A 373 -17.92 4.48 -6.06
CA VAL A 373 -17.61 3.20 -6.68
C VAL A 373 -16.47 3.42 -7.67
N VAL A 374 -15.53 2.46 -7.76
CA VAL A 374 -14.50 2.60 -8.78
C VAL A 374 -14.72 1.60 -9.93
N HIS A 375 -14.17 1.97 -11.07
CA HIS A 375 -14.08 1.08 -12.22
C HIS A 375 -12.63 1.04 -12.73
N ASP A 376 -12.29 -0.01 -13.51
CA ASP A 376 -10.96 0.00 -14.16
C ASP A 376 -10.84 1.11 -15.20
N ASP A 377 -9.69 1.77 -15.26
CA ASP A 377 -9.50 2.89 -16.18
C ASP A 377 -8.03 3.20 -16.42
N MET A 378 -7.70 3.71 -17.61
CA MET A 378 -6.37 4.13 -18.01
C MET A 378 -5.45 2.96 -18.37
N GLU A 379 -4.19 3.26 -18.67
CA GLU A 379 -3.27 2.17 -19.07
C GLU A 379 -2.94 1.37 -17.82
N CYS A 380 -2.65 0.07 -17.95
CA CYS A 380 -2.25 -0.67 -16.75
C CYS A 380 -0.76 -0.52 -16.52
N SER A 381 -0.35 -0.40 -15.25
CA SER A 381 1.06 -0.35 -14.93
C SER A 381 1.40 -1.47 -13.91
N HIS A 382 0.47 -1.92 -13.09
CA HIS A 382 0.78 -2.89 -12.01
C HIS A 382 0.39 -4.32 -12.33
N TYR A 383 1.29 -5.29 -12.08
CA TYR A 383 1.10 -6.70 -12.39
C TYR A 383 1.54 -7.61 -11.25
N MET A 384 1.04 -8.83 -11.12
CA MET A 384 1.61 -9.71 -10.07
C MET A 384 1.34 -11.17 -10.39
N LYS A 385 2.33 -12.02 -10.23
CA LYS A 385 2.12 -13.46 -10.42
C LYS A 385 1.00 -13.99 -9.53
N ASN A 386 0.12 -14.84 -10.06
CA ASN A 386 -0.96 -15.45 -9.29
C ASN A 386 -0.35 -16.42 -8.28
N PHE A 387 -0.65 -16.27 -7.01
CA PHE A 387 0.04 -16.99 -5.94
C PHE A 387 -0.17 -18.50 -6.06
N ASP A 388 -1.35 -18.92 -6.50
CA ASP A 388 -1.67 -20.34 -6.48
C ASP A 388 -1.29 -21.06 -7.76
N VAL A 389 -0.87 -20.35 -8.80
CA VAL A 389 -0.42 -21.03 -10.03
C VAL A 389 0.97 -21.62 -9.81
N GLY A 390 1.17 -22.86 -10.25
CA GLY A 390 2.46 -23.52 -10.00
C GLY A 390 3.42 -23.27 -11.16
N HIS A 391 4.47 -24.09 -11.23
CA HIS A 391 5.36 -24.12 -12.38
C HIS A 391 4.63 -24.48 -13.67
N VAL A 392 4.90 -23.67 -14.71
CA VAL A 392 4.36 -23.87 -16.05
C VAL A 392 5.52 -23.85 -17.04
N PRO A 393 5.76 -24.97 -17.70
CA PRO A 393 6.81 -25.08 -18.71
C PRO A 393 6.45 -24.22 -19.90
N ILE A 394 7.33 -23.33 -20.34
CA ILE A 394 7.03 -22.47 -21.51
C ILE A 394 8.19 -22.59 -22.50
N ARG A 395 7.88 -22.77 -23.77
CA ARG A 395 8.86 -22.83 -24.83
C ARG A 395 9.02 -21.55 -25.62
N LEU A 396 7.94 -20.76 -25.81
CA LEU A 396 8.05 -19.46 -26.50
C LEU A 396 9.16 -18.61 -25.89
N PRO A 397 10.14 -18.17 -26.67
CA PRO A 397 11.39 -17.73 -26.03
C PRO A 397 11.24 -16.45 -25.23
N ARG A 398 10.56 -15.45 -25.81
CA ARG A 398 10.47 -14.16 -25.09
C ARG A 398 9.58 -14.24 -23.87
N THR A 399 8.51 -15.04 -23.96
CA THR A 399 7.61 -15.30 -22.84
C THR A 399 8.30 -16.10 -21.74
N LYS A 400 9.07 -17.10 -22.14
CA LYS A 400 9.86 -17.88 -21.16
C LYS A 400 10.85 -16.98 -20.47
N HIS A 401 11.58 -16.14 -21.22
CA HIS A 401 12.57 -15.25 -20.58
C HIS A 401 11.93 -14.26 -19.59
N LEU A 402 10.84 -13.63 -20.00
CA LEU A 402 10.16 -12.71 -19.07
C LEU A 402 9.67 -13.43 -17.83
N LEU A 403 9.04 -14.63 -17.94
CA LEU A 403 8.65 -15.36 -16.74
C LEU A 403 9.85 -15.66 -15.83
N ASN A 404 10.97 -16.04 -16.44
CA ASN A 404 12.17 -16.19 -15.59
C ASN A 404 12.59 -14.92 -14.90
N VAL A 405 12.62 -13.77 -15.58
CA VAL A 405 12.91 -12.49 -14.96
C VAL A 405 11.97 -12.23 -13.79
N ILE A 406 10.65 -12.49 -13.99
CA ILE A 406 9.72 -12.20 -12.90
C ILE A 406 9.98 -13.13 -11.72
N ASN A 407 10.27 -14.41 -11.98
CA ASN A 407 10.46 -15.37 -10.89
C ASN A 407 11.72 -15.01 -10.12
N GLU A 408 12.77 -14.58 -10.77
CA GLU A 408 14.03 -14.23 -10.11
C GLU A 408 13.91 -12.94 -9.31
N ASN A 409 13.26 -11.91 -9.82
CA ASN A 409 13.31 -10.58 -9.25
C ASN A 409 12.16 -10.25 -8.34
N PHE A 410 10.99 -10.81 -8.65
CA PHE A 410 9.78 -10.47 -7.89
C PHE A 410 9.12 -11.65 -7.19
N GLY A 411 9.27 -12.88 -7.68
CA GLY A 411 8.48 -14.01 -7.18
C GLY A 411 6.98 -13.72 -7.18
N THR A 412 6.30 -13.74 -6.03
CA THR A 412 4.87 -13.45 -5.94
C THR A 412 4.59 -12.00 -5.52
N LEU A 413 5.62 -11.17 -5.43
CA LEU A 413 5.44 -9.73 -5.13
C LEU A 413 5.00 -8.96 -6.39
N ALA A 414 4.23 -7.88 -6.23
CA ALA A 414 3.77 -7.11 -7.40
C ALA A 414 4.93 -6.33 -8.00
N PHE A 415 4.88 -5.99 -9.29
CA PHE A 415 5.90 -5.23 -9.97
C PHE A 415 5.18 -4.28 -10.97
N CYS A 416 5.91 -3.39 -11.59
CA CYS A 416 5.37 -2.56 -12.66
C CYS A 416 6.26 -2.55 -13.90
N ARG A 417 5.80 -1.91 -14.99
CA ARG A 417 6.60 -1.89 -16.22
C ARG A 417 7.89 -1.10 -16.07
N ARG A 418 7.90 0.00 -15.28
CA ARG A 418 9.16 0.71 -15.00
C ARG A 418 10.21 -0.18 -14.34
N TRP A 419 9.80 -1.16 -13.53
CA TRP A 419 10.75 -2.06 -12.90
C TRP A 419 11.31 -3.12 -13.87
N LEU A 420 10.56 -3.46 -14.92
CA LEU A 420 11.18 -4.29 -15.98
C LEU A 420 12.18 -3.47 -16.79
N ASP A 421 11.86 -2.21 -17.08
CA ASP A 421 12.74 -1.36 -17.88
C ASP A 421 14.09 -1.17 -17.18
N ARG A 422 14.06 -0.99 -15.87
CA ARG A 422 15.24 -0.79 -15.04
C ARG A 422 16.18 -1.98 -15.07
N LEU A 423 15.66 -3.17 -15.30
CA LEU A 423 16.46 -4.38 -15.40
C LEU A 423 17.00 -4.62 -16.79
N GLY A 424 16.77 -3.69 -17.71
CA GLY A 424 17.31 -3.76 -19.05
C GLY A 424 16.41 -4.54 -19.99
N GLU A 425 15.21 -4.88 -19.55
CA GLU A 425 14.26 -5.55 -20.42
C GLU A 425 13.64 -4.60 -21.44
N SER A 426 13.47 -5.10 -22.66
CA SER A 426 12.70 -4.37 -23.67
C SER A 426 12.00 -5.35 -24.60
N LYS A 427 11.05 -4.86 -25.37
CA LYS A 427 10.23 -5.71 -26.22
C LYS A 427 9.56 -6.80 -25.37
N TYR A 428 8.91 -6.39 -24.28
CA TYR A 428 8.36 -7.39 -23.36
C TYR A 428 6.84 -7.32 -23.30
N LEU A 429 6.20 -6.38 -24.01
CA LEU A 429 4.77 -6.16 -23.69
C LEU A 429 3.92 -7.29 -24.25
N MET A 430 4.35 -7.89 -25.39
CA MET A 430 3.53 -9.05 -25.82
C MET A 430 3.79 -10.25 -24.91
N ALA A 431 5.03 -10.47 -24.46
CA ALA A 431 5.30 -11.59 -23.53
C ALA A 431 4.50 -11.37 -22.23
N LEU A 432 4.40 -10.12 -21.78
CA LEU A 432 3.60 -9.82 -20.58
C LEU A 432 2.11 -10.10 -20.80
N LYS A 433 1.56 -9.67 -21.94
CA LYS A 433 0.19 -10.08 -22.29
C LYS A 433 0.00 -11.58 -22.33
N ASN A 434 0.96 -12.33 -22.93
CA ASN A 434 0.85 -13.79 -22.94
C ASN A 434 0.74 -14.41 -21.57
N LEU A 435 1.60 -13.96 -20.63
CA LEU A 435 1.53 -14.43 -19.27
C LEU A 435 0.20 -14.06 -18.59
N CYS A 436 -0.41 -12.94 -18.97
CA CYS A 436 -1.70 -12.58 -18.39
C CYS A 436 -2.81 -13.45 -18.95
N ASP A 437 -2.78 -13.70 -20.28
CA ASP A 437 -3.83 -14.49 -20.90
C ASP A 437 -3.74 -15.96 -20.49
N LEU A 438 -2.54 -16.45 -20.15
CA LEU A 438 -2.35 -17.78 -19.58
C LEU A 438 -2.80 -17.88 -18.14
N GLY A 439 -3.11 -16.78 -17.46
CA GLY A 439 -3.42 -16.78 -16.06
C GLY A 439 -2.27 -16.91 -15.11
N ILE A 440 -1.02 -16.86 -15.56
CA ILE A 440 0.15 -16.92 -14.70
C ILE A 440 0.38 -15.61 -13.95
N VAL A 441 0.18 -14.51 -14.66
CA VAL A 441 0.22 -13.15 -14.09
C VAL A 441 -1.16 -12.49 -14.21
N ASP A 442 -1.52 -11.67 -13.21
CA ASP A 442 -2.72 -10.87 -13.26
C ASP A 442 -2.37 -9.37 -13.40
N PRO A 443 -3.08 -8.65 -14.25
CA PRO A 443 -2.98 -7.20 -14.35
C PRO A 443 -3.87 -6.53 -13.29
N TYR A 444 -3.44 -5.42 -12.75
CA TYR A 444 -4.19 -4.62 -11.76
C TYR A 444 -4.24 -3.17 -12.25
N PRO A 445 -5.21 -2.85 -13.11
CA PRO A 445 -5.30 -1.50 -13.68
C PRO A 445 -5.71 -0.45 -12.67
N PRO A 446 -5.49 0.83 -12.95
CA PRO A 446 -5.91 1.89 -12.07
C PRO A 446 -7.43 1.80 -11.86
N LEU A 447 -7.82 2.23 -10.65
CA LEU A 447 -9.20 2.11 -10.17
C LEU A 447 -9.73 3.53 -9.86
N CYS A 448 -10.70 3.98 -10.64
CA CYS A 448 -11.07 5.41 -10.61
C CYS A 448 -12.57 5.59 -10.41
N ASP A 449 -12.93 6.64 -9.68
CA ASP A 449 -14.36 7.07 -9.62
C ASP A 449 -14.65 7.95 -10.84
N ILE A 450 -15.84 8.56 -10.92
CA ILE A 450 -16.20 9.33 -12.11
C ILE A 450 -15.39 10.61 -12.30
N LYS A 451 -15.32 11.02 -13.57
CA LYS A 451 -14.55 12.23 -13.91
C LYS A 451 -15.04 13.43 -13.10
N GLY A 452 -14.12 14.24 -12.59
CA GLY A 452 -14.43 15.35 -11.74
C GLY A 452 -14.53 15.07 -10.25
N SER A 453 -14.51 13.81 -9.83
CA SER A 453 -14.60 13.51 -8.40
C SER A 453 -13.22 13.55 -7.71
N TYR A 454 -13.27 13.68 -6.37
CA TYR A 454 -12.02 13.73 -5.59
C TYR A 454 -11.99 12.54 -4.63
N THR A 455 -10.89 11.79 -4.60
CA THR A 455 -10.76 10.65 -3.68
C THR A 455 -9.54 10.78 -2.77
N ALA A 456 -9.58 10.20 -1.56
CA ALA A 456 -8.47 10.29 -0.62
C ALA A 456 -8.36 8.91 0.09
N GLN A 457 -7.15 8.59 0.56
CA GLN A 457 -6.86 7.29 1.17
C GLN A 457 -5.90 7.47 2.35
N PHE A 458 -6.09 6.66 3.40
CA PHE A 458 -5.10 6.53 4.48
C PHE A 458 -5.08 5.02 4.86
N GLU A 459 -3.90 4.52 5.19
CA GLU A 459 -3.80 3.04 5.47
C GLU A 459 -2.69 2.78 6.48
N HIS A 460 -2.84 1.76 7.33
CA HIS A 460 -1.73 1.24 8.14
C HIS A 460 -1.79 -0.30 8.11
N THR A 461 -0.63 -0.89 8.41
CA THR A 461 -0.53 -2.33 8.65
C THR A 461 -0.60 -2.62 10.15
N ILE A 462 -1.46 -3.57 10.55
CA ILE A 462 -1.58 -3.90 11.98
C ILE A 462 -1.22 -5.39 12.17
N LEU A 463 -0.63 -5.68 13.34
CA LEU A 463 -0.33 -7.10 13.65
C LEU A 463 -1.23 -7.56 14.80
N LEU A 464 -1.93 -8.67 14.67
CA LEU A 464 -2.80 -9.20 15.72
C LEU A 464 -2.00 -10.20 16.57
N ARG A 465 -1.13 -9.65 17.38
CA ARG A 465 -0.24 -10.43 18.24
C ARG A 465 -1.01 -11.05 19.41
N PRO A 466 -0.51 -12.15 19.97
CA PRO A 466 -1.14 -12.77 21.12
C PRO A 466 -1.31 -11.78 22.27
N THR A 467 -0.38 -10.90 22.57
CA THR A 467 -0.52 -10.05 23.75
C THR A 467 -1.17 -8.69 23.50
N CYS A 468 -1.42 -8.33 22.24
CA CYS A 468 -1.82 -6.94 21.98
C CYS A 468 -1.92 -6.72 20.45
N LYS A 469 -2.60 -5.65 20.08
CA LYS A 469 -2.67 -5.22 18.68
C LYS A 469 -1.54 -4.23 18.45
N GLU A 470 -0.71 -4.39 17.41
CA GLU A 470 0.35 -3.43 17.16
C GLU A 470 0.13 -2.70 15.81
N VAL A 471 -0.01 -1.39 15.85
CA VAL A 471 -0.12 -0.59 14.60
C VAL A 471 1.32 -0.31 14.20
N VAL A 472 1.92 -1.26 13.45
CA VAL A 472 3.37 -1.33 13.30
C VAL A 472 3.92 -0.19 12.46
N SER A 473 3.07 0.28 11.49
CA SER A 473 3.52 1.41 10.68
C SER A 473 3.08 2.77 11.21
N ARG A 474 2.55 2.88 12.41
CA ARG A 474 2.17 4.23 12.94
C ARG A 474 3.38 5.13 13.06
N GLY A 475 3.26 6.43 12.75
CA GLY A 475 4.35 7.37 12.96
C GLY A 475 3.88 8.57 13.79
N ASP A 476 4.75 9.56 13.87
CA ASP A 476 4.29 10.83 14.48
C ASP A 476 3.65 11.74 13.45
N ASP A 477 3.64 11.31 12.19
CA ASP A 477 2.94 12.02 11.11
C ASP A 477 1.50 11.56 10.95
N TYR A 478 1.20 10.27 10.94
CA TYR A 478 -0.17 9.76 10.88
C TYR A 478 -0.20 8.32 11.40
CO CO B . -3.42 -2.16 0.84
CO CO C . -1.54 0.02 0.06
C5 FUG D . -7.05 -1.55 -2.63
C4 FUG D . -7.74 -2.92 -2.68
C3 FUG D . -6.74 -4.08 -2.57
C2 FUG D . -5.61 -3.96 -3.65
C1 FUG D . -4.87 -2.63 -3.53
C6 FUG D . -5.91 -1.50 -3.65
O11 FUG D . -4.33 -2.58 -2.29
C11 FUG D . -3.77 -2.40 -4.56
C21 FUG D . -4.76 -5.27 -3.72
C22 FUG D . -4.18 -5.92 -4.91
C23 FUG D . -2.82 -6.55 -4.93
C24 FUG D . -1.70 -5.53 -4.91
C25 FUG D . -1.00 -4.87 -5.81
C2A FUG D . -4.18 -5.52 -2.33
O2A FUG D . -5.35 -6.45 -4.28
C2B FUG D . -0.05 -3.73 -5.49
C2C FUG D . -1.25 -4.94 -7.31
O31 FUG D . -7.37 -5.35 -2.64
C31 FUG D . -8.18 -5.71 -1.49
O41 FUG D . -8.40 -3.09 -3.95
C41 FUG D . -9.64 -3.58 -4.19
O4A FUG D . -10.35 -3.64 -3.23
C42 FUG D . -10.13 -3.91 -5.55
C43 FUG D . -11.37 -3.67 -6.02
C44 FUG D . -11.58 -3.53 -7.48
C45 FUG D . -12.77 -3.29 -8.05
C46 FUG D . -12.95 -3.15 -9.49
C47 FUG D . -14.13 -2.90 -10.08
C48 FUG D . -14.28 -2.78 -11.53
C49 FUG D . -15.47 -2.54 -12.15
C4A FUG D . -15.41 -2.21 -13.60
O4B FUG D . -16.49 -2.22 -14.18
O4C FUG D . -14.33 -2.01 -14.17
#